data_1WDQ
#
_entry.id   1WDQ
#
_cell.length_a   84.989
_cell.length_b   84.989
_cell.length_c   144.023
_cell.angle_alpha   90.00
_cell.angle_beta   90.00
_cell.angle_gamma   120.00
#
_symmetry.space_group_name_H-M   'P 31 2 1'
#
loop_
_entity.id
_entity.type
_entity.pdbx_description
1 polymer Beta-amylase
2 branched alpha-D-glucopyranose-(1-4)-alpha-D-glucopyranose
3 non-polymer 'SULFATE ION'
4 water water
#
_entity_poly.entity_id   1
_entity_poly.type   'polypeptide(L)'
_entity_poly.pdbx_seq_one_letter_code
;ATSDSNMLLNYVPVYVMLPLGVVNVDNVFEDPDGLKEQLLQLRAAGVDGVMVDVWWGIIELKGPKQYDWRAYRSLLQLVQ
ECGLTLQAIMSFHQCGGNVGDIVNIPIPQWVLDIGESNHDIFYTNRSGTRNKEYLTVGVDNEPIFHGRTAIEIYSDYMKS
FRENMSDFLESGLIIDIEVGLGPAGELRYPSYPQSQGWEFPGIGEFQCYDKYLKADFKAAVARAGHPEWELPDDAGKYND
VPESTGFFKSNGTYVTEKGKFFLTWYSNKLLNHGDQILDEANKAFLGCKVKLAIKVSGIHWWYKVENHAAELTAGYYNLN
DRDGYRPIARMLSRHHAILNFVCLEMRDSEQPSDAKSGPQELVQQVLSGGWREDIRVAGENALPRYDATAYNQIILNARP
QGVNNNGPPKLSMFGVTYLRLSDDLLQKSNFNIFKKFVLKMHADQDYCANPQKYNHAITPLKPSAPKIPIEVLLEATKPT
LPFPWLPETDMKVDG
;
_entity_poly.pdbx_strand_id   A
#
# COMPACT_ATOMS: atom_id res chain seq x y z
N SER A 3 -10.33 -22.43 26.10
CA SER A 3 -9.31 -21.56 25.51
C SER A 3 -9.16 -21.78 24.01
N ASP A 4 -9.03 -22.98 23.46
CA ASP A 4 -8.56 -23.16 22.09
C ASP A 4 -9.36 -22.52 20.98
N SER A 5 -10.57 -22.92 20.69
CA SER A 5 -11.42 -22.36 19.65
C SER A 5 -11.78 -20.91 19.84
N ASN A 6 -11.93 -20.51 21.11
CA ASN A 6 -12.03 -19.06 21.35
C ASN A 6 -10.69 -18.45 20.92
N MET A 7 -9.60 -19.11 21.33
CA MET A 7 -8.34 -18.50 20.94
C MET A 7 -8.33 -18.59 19.41
N LEU A 8 -8.81 -19.60 18.68
CA LEU A 8 -8.61 -19.62 17.23
C LEU A 8 -9.32 -18.47 16.54
N LEU A 9 -10.45 -18.03 17.11
CA LEU A 9 -11.12 -16.87 16.50
C LEU A 9 -10.36 -15.56 16.66
N ASN A 10 -9.30 -15.58 17.46
CA ASN A 10 -8.39 -14.44 17.60
C ASN A 10 -7.22 -14.47 16.63
N TYR A 11 -7.09 -15.55 15.84
CA TYR A 11 -5.92 -15.73 14.97
C TYR A 11 -5.84 -14.65 13.90
N VAL A 12 -4.67 -14.05 13.76
CA VAL A 12 -4.37 -13.08 12.70
C VAL A 12 -3.28 -13.70 11.86
N PRO A 13 -3.56 -13.90 10.56
CA PRO A 13 -2.57 -14.56 9.71
C PRO A 13 -1.37 -13.68 9.42
N VAL A 14 -0.25 -14.36 9.22
CA VAL A 14 1.04 -13.79 8.97
C VAL A 14 1.55 -14.21 7.59
N TYR A 15 1.95 -13.25 6.78
CA TYR A 15 2.53 -13.49 5.46
C TYR A 15 3.93 -12.95 5.47
N VAL A 16 4.78 -13.44 4.56
CA VAL A 16 6.16 -12.99 4.41
C VAL A 16 6.42 -12.58 2.98
N MET A 17 6.94 -11.35 2.78
CA MET A 17 7.32 -10.93 1.45
C MET A 17 8.53 -11.71 0.93
N LEU A 18 8.45 -12.11 -0.36
CA LEU A 18 9.60 -12.75 -0.99
C LEU A 18 10.70 -11.77 -1.29
N PRO A 19 11.91 -12.26 -1.54
CA PRO A 19 13.00 -11.38 -1.93
C PRO A 19 12.67 -10.68 -3.21
N LEU A 20 13.09 -9.40 -3.32
CA LEU A 20 12.97 -8.66 -4.53
C LEU A 20 13.79 -9.39 -5.60
N GLY A 21 13.23 -9.49 -6.74
CA GLY A 21 13.90 -10.04 -7.89
C GLY A 21 13.89 -11.56 -7.97
N VAL A 22 13.02 -12.21 -7.20
CA VAL A 22 12.92 -13.66 -7.24
C VAL A 22 12.68 -14.12 -8.69
N VAL A 23 11.85 -13.41 -9.47
CA VAL A 23 11.86 -13.46 -10.91
C VAL A 23 12.61 -12.21 -11.37
N ASN A 24 13.66 -12.43 -12.13
CA ASN A 24 14.53 -11.32 -12.49
C ASN A 24 13.99 -10.52 -13.68
N VAL A 25 14.71 -9.43 -14.00
CA VAL A 25 14.23 -8.47 -14.99
C VAL A 25 14.10 -9.09 -16.38
N ASP A 26 14.80 -10.21 -16.61
CA ASP A 26 14.76 -10.98 -17.84
C ASP A 26 13.66 -12.04 -17.84
N ASN A 27 12.83 -12.02 -16.78
CA ASN A 27 11.72 -12.95 -16.68
C ASN A 27 12.19 -14.40 -16.57
N VAL A 28 13.19 -14.56 -15.69
CA VAL A 28 13.75 -15.85 -15.30
C VAL A 28 13.60 -16.02 -13.79
N PHE A 29 13.08 -17.16 -13.40
CA PHE A 29 13.00 -17.58 -11.98
C PHE A 29 14.37 -18.17 -11.63
N GLU A 30 15.24 -17.36 -11.02
CA GLU A 30 16.64 -17.75 -11.06
C GLU A 30 17.02 -18.85 -10.10
N ASP A 31 16.45 -18.88 -8.93
CA ASP A 31 16.96 -19.84 -7.95
C ASP A 31 15.84 -20.58 -7.26
N PRO A 32 15.13 -21.43 -7.98
CA PRO A 32 14.05 -22.14 -7.32
C PRO A 32 14.49 -23.01 -6.18
N ASP A 33 15.69 -23.64 -6.30
CA ASP A 33 16.10 -24.58 -5.25
C ASP A 33 16.38 -23.83 -3.95
N GLY A 34 17.02 -22.66 -4.03
CA GLY A 34 17.30 -21.88 -2.85
C GLY A 34 16.05 -21.33 -2.23
N LEU A 35 15.13 -20.87 -3.08
CA LEU A 35 13.87 -20.34 -2.52
C LEU A 35 13.08 -21.44 -1.85
N LYS A 36 13.05 -22.64 -2.46
CA LYS A 36 12.35 -23.77 -1.85
C LYS A 36 12.78 -24.01 -0.42
N GLU A 37 14.10 -24.02 -0.21
CA GLU A 37 14.61 -24.30 1.14
C GLU A 37 14.09 -23.26 2.11
N GLN A 38 14.08 -22.01 1.71
CA GLN A 38 13.60 -20.91 2.55
C GLN A 38 12.10 -21.00 2.86
N LEU A 39 11.29 -21.31 1.79
CA LEU A 39 9.85 -21.41 1.93
C LEU A 39 9.48 -22.55 2.87
N LEU A 40 10.20 -23.70 2.77
CA LEU A 40 9.90 -24.82 3.68
C LEU A 40 10.18 -24.45 5.12
N GLN A 41 11.19 -23.62 5.38
CA GLN A 41 11.43 -23.09 6.74
C GLN A 41 10.27 -22.23 7.20
N LEU A 42 9.75 -21.37 6.33
CA LEU A 42 8.58 -20.58 6.70
C LEU A 42 7.38 -21.42 7.02
N ARG A 43 7.16 -22.47 6.21
CA ARG A 43 6.03 -23.39 6.38
C ARG A 43 6.14 -24.07 7.75
N ALA A 44 7.30 -24.59 8.10
CA ALA A 44 7.50 -25.24 9.38
C ALA A 44 7.35 -24.21 10.49
N ALA A 45 7.66 -22.93 10.29
CA ALA A 45 7.54 -21.86 11.29
C ALA A 45 6.08 -21.44 11.50
N GLY A 46 5.14 -21.90 10.71
CA GLY A 46 3.73 -21.55 10.84
C GLY A 46 3.27 -20.41 9.98
N VAL A 47 4.08 -19.85 9.12
CA VAL A 47 3.68 -18.74 8.28
C VAL A 47 2.50 -19.17 7.41
N ASP A 48 1.50 -18.30 7.26
CA ASP A 48 0.34 -18.64 6.47
C ASP A 48 0.60 -18.54 4.99
N GLY A 49 1.30 -17.53 4.52
CA GLY A 49 1.56 -17.38 3.11
C GLY A 49 2.66 -16.38 2.82
N VAL A 50 2.83 -16.03 1.55
CA VAL A 50 3.88 -15.12 1.10
C VAL A 50 3.27 -14.05 0.20
N MET A 51 4.01 -12.97 -0.02
CA MET A 51 3.63 -11.88 -0.90
C MET A 51 4.71 -11.71 -1.96
N VAL A 52 4.32 -11.40 -3.19
CA VAL A 52 5.31 -11.13 -4.24
C VAL A 52 4.81 -10.03 -5.15
N ASP A 53 5.71 -9.24 -5.65
CA ASP A 53 5.47 -8.31 -6.75
C ASP A 53 5.38 -9.09 -8.07
N VAL A 54 4.30 -8.82 -8.80
CA VAL A 54 4.15 -9.36 -10.20
C VAL A 54 4.44 -8.15 -11.09
N TRP A 55 5.69 -7.96 -11.43
CA TRP A 55 6.20 -6.74 -12.02
C TRP A 55 5.74 -6.51 -13.46
N TRP A 56 5.03 -5.44 -13.70
CA TRP A 56 4.59 -5.05 -15.06
C TRP A 56 5.77 -4.95 -15.99
N GLY A 57 6.85 -4.32 -15.54
CA GLY A 57 8.02 -4.21 -16.37
C GLY A 57 8.72 -5.49 -16.74
N ILE A 58 8.49 -6.56 -16.00
CA ILE A 58 8.97 -7.88 -16.42
C ILE A 58 8.01 -8.48 -17.41
N ILE A 59 6.72 -8.58 -17.05
CA ILE A 59 5.74 -9.38 -17.77
C ILE A 59 5.39 -8.83 -19.13
N GLU A 60 5.14 -7.52 -19.25
CA GLU A 60 4.70 -6.90 -20.51
C GLU A 60 5.84 -6.16 -21.18
N LEU A 61 7.06 -6.69 -21.08
CA LEU A 61 8.24 -6.01 -21.61
C LEU A 61 8.30 -5.98 -23.12
N LYS A 62 7.94 -7.06 -23.79
CA LYS A 62 8.16 -7.14 -25.23
C LYS A 62 7.39 -6.10 -25.99
N GLY A 63 6.20 -5.73 -25.57
CA GLY A 63 5.34 -4.80 -26.27
C GLY A 63 3.94 -4.88 -25.72
N PRO A 64 3.03 -4.02 -26.17
CA PRO A 64 1.65 -4.05 -25.70
C PRO A 64 1.01 -5.40 -25.88
N LYS A 65 0.42 -5.87 -24.80
CA LYS A 65 -0.31 -7.13 -24.68
C LYS A 65 0.56 -8.34 -25.01
N GLN A 66 1.88 -8.18 -24.96
CA GLN A 66 2.81 -9.29 -25.12
C GLN A 66 3.26 -9.76 -23.75
N TYR A 67 2.42 -10.50 -23.04
CA TYR A 67 2.66 -10.95 -21.70
C TYR A 67 3.43 -12.27 -21.69
N ASP A 68 4.41 -12.45 -20.82
CA ASP A 68 5.01 -13.75 -20.59
C ASP A 68 4.85 -14.12 -19.12
N TRP A 69 3.94 -15.04 -18.85
CA TRP A 69 3.61 -15.46 -17.51
C TRP A 69 4.38 -16.69 -17.03
N ARG A 70 5.30 -17.22 -17.84
CA ARG A 70 5.85 -18.55 -17.55
C ARG A 70 6.67 -18.62 -16.28
N ALA A 71 7.60 -17.68 -16.07
CA ALA A 71 8.42 -17.75 -14.84
C ALA A 71 7.58 -17.59 -13.59
N TYR A 72 6.59 -16.68 -13.67
CA TYR A 72 5.72 -16.54 -12.51
C TYR A 72 4.87 -17.79 -12.30
N ARG A 73 4.44 -18.50 -13.35
CA ARG A 73 3.77 -19.78 -13.12
C ARG A 73 4.68 -20.74 -12.36
N SER A 74 5.95 -20.78 -12.72
CA SER A 74 6.85 -21.67 -11.99
C SER A 74 6.98 -21.25 -10.54
N LEU A 75 7.02 -19.93 -10.28
CA LEU A 75 7.08 -19.45 -8.89
C LEU A 75 5.85 -19.86 -8.11
N LEU A 76 4.66 -19.60 -8.69
CA LEU A 76 3.42 -19.94 -8.04
C LEU A 76 3.33 -21.43 -7.76
N GLN A 77 3.79 -22.25 -8.70
CA GLN A 77 3.79 -23.68 -8.52
C GLN A 77 4.61 -24.09 -7.31
N LEU A 78 5.79 -23.45 -7.16
CA LEU A 78 6.66 -23.76 -6.01
C LEU A 78 5.98 -23.35 -4.71
N VAL A 79 5.39 -22.15 -4.66
CA VAL A 79 4.72 -21.69 -3.45
C VAL A 79 3.63 -22.69 -3.04
N GLN A 80 2.84 -23.16 -4.03
CA GLN A 80 1.80 -24.13 -3.78
C GLN A 80 2.40 -25.43 -3.24
N GLU A 81 3.47 -25.90 -3.82
CA GLU A 81 4.10 -27.11 -3.35
C GLU A 81 4.60 -27.00 -1.92
N CYS A 82 5.00 -25.81 -1.49
CA CYS A 82 5.50 -25.57 -0.18
C CYS A 82 4.37 -25.25 0.82
N GLY A 83 3.11 -25.34 0.44
CA GLY A 83 2.01 -25.26 1.39
C GLY A 83 1.70 -23.89 1.89
N LEU A 84 1.98 -22.87 1.07
CA LEU A 84 1.79 -21.47 1.41
C LEU A 84 0.75 -20.85 0.49
N THR A 85 -0.04 -19.89 0.96
CA THR A 85 -0.84 -19.07 0.09
C THR A 85 -0.04 -17.86 -0.44
N LEU A 86 -0.67 -17.12 -1.32
CA LEU A 86 0.02 -16.03 -2.00
C LEU A 86 -0.81 -14.76 -2.05
N GLN A 87 -0.16 -13.65 -1.73
CA GLN A 87 -0.67 -12.28 -1.94
C GLN A 87 0.03 -11.75 -3.19
N ALA A 88 -0.68 -11.57 -4.29
CA ALA A 88 -0.06 -11.19 -5.55
C ALA A 88 -0.20 -9.68 -5.75
N ILE A 89 0.90 -8.95 -5.83
CA ILE A 89 0.83 -7.50 -6.10
C ILE A 89 0.86 -7.28 -7.60
N MET A 90 -0.13 -6.56 -8.08
CA MET A 90 -0.12 -6.07 -9.47
C MET A 90 0.77 -4.83 -9.47
N SER A 91 2.05 -5.04 -9.76
CA SER A 91 3.07 -4.01 -9.52
C SER A 91 3.34 -3.20 -10.79
N PHE A 92 2.62 -2.09 -10.90
CA PHE A 92 2.68 -1.21 -12.05
C PHE A 92 3.71 -0.10 -11.87
N HIS A 93 4.73 -0.33 -11.09
CA HIS A 93 5.72 0.67 -10.71
C HIS A 93 7.11 0.09 -10.90
N GLN A 94 8.10 0.97 -10.78
CA GLN A 94 9.51 0.63 -10.88
C GLN A 94 10.08 0.15 -9.56
N CYS A 95 10.94 -0.87 -9.64
CA CYS A 95 11.77 -1.22 -8.52
C CYS A 95 13.16 -0.60 -8.69
N GLY A 96 13.69 0.04 -7.64
CA GLY A 96 15.05 0.62 -7.68
C GLY A 96 15.37 1.88 -6.94
N GLY A 97 14.38 2.79 -6.81
CA GLY A 97 14.66 4.13 -6.25
C GLY A 97 13.98 4.41 -4.92
N ASN A 98 13.35 3.43 -4.27
CA ASN A 98 12.79 3.62 -2.94
C ASN A 98 13.52 2.83 -1.86
N VAL A 99 13.25 3.08 -0.58
CA VAL A 99 14.01 2.46 0.50
C VAL A 99 14.02 0.93 0.38
N GLY A 100 15.24 0.40 0.53
CA GLY A 100 15.46 -1.00 0.45
C GLY A 100 15.57 -1.59 -0.93
N ASP A 101 15.26 -0.78 -1.96
CA ASP A 101 15.23 -1.42 -3.30
C ASP A 101 16.66 -1.81 -3.72
N ILE A 102 16.88 -3.12 -3.87
CA ILE A 102 18.17 -3.66 -4.24
C ILE A 102 18.21 -4.25 -5.63
N VAL A 103 17.20 -4.09 -6.46
CA VAL A 103 17.26 -4.67 -7.81
C VAL A 103 16.55 -3.62 -8.68
N ASN A 104 16.86 -3.55 -9.96
CA ASN A 104 16.32 -2.51 -10.85
C ASN A 104 15.39 -3.09 -11.89
N ILE A 105 14.13 -2.73 -11.73
CA ILE A 105 13.08 -3.23 -12.64
C ILE A 105 12.24 -2.03 -13.10
N PRO A 106 12.57 -1.45 -14.22
CA PRO A 106 11.80 -0.33 -14.73
C PRO A 106 10.43 -0.77 -15.22
N ILE A 107 9.52 0.21 -15.43
CA ILE A 107 8.31 -0.08 -16.19
C ILE A 107 8.66 -0.43 -17.65
N PRO A 108 7.75 -1.01 -18.41
CA PRO A 108 8.16 -1.49 -19.73
C PRO A 108 8.80 -0.43 -20.63
N GLN A 109 9.87 -0.85 -21.34
CA GLN A 109 10.59 0.08 -22.19
C GLN A 109 9.68 0.69 -23.23
N TRP A 110 8.71 -0.03 -23.77
CA TRP A 110 7.86 0.56 -24.80
C TRP A 110 7.06 1.73 -24.22
N VAL A 111 6.75 1.71 -22.92
CA VAL A 111 6.09 2.87 -22.29
C VAL A 111 7.08 4.01 -22.13
N LEU A 112 8.32 3.71 -21.69
CA LEU A 112 9.37 4.71 -21.56
C LEU A 112 9.67 5.37 -22.90
N ASP A 113 9.57 4.58 -23.98
CA ASP A 113 9.74 5.14 -25.32
C ASP A 113 8.70 6.21 -25.62
N ILE A 114 7.44 5.95 -25.26
CA ILE A 114 6.42 6.97 -25.41
C ILE A 114 6.76 8.16 -24.53
N GLY A 115 7.27 7.93 -23.33
CA GLY A 115 7.69 8.99 -22.42
C GLY A 115 8.74 9.89 -23.01
N GLU A 116 9.60 9.36 -23.86
CA GLU A 116 10.63 10.22 -24.45
C GLU A 116 9.98 11.28 -25.35
N SER A 117 8.84 11.02 -25.96
CA SER A 117 8.13 11.95 -26.80
C SER A 117 7.06 12.74 -26.06
N ASN A 118 6.64 12.24 -24.94
CA ASN A 118 5.62 12.91 -24.11
C ASN A 118 6.11 12.79 -22.66
N HIS A 119 6.86 13.76 -22.20
CA HIS A 119 7.45 13.75 -20.87
C HIS A 119 6.40 13.90 -19.78
N ASP A 120 5.22 14.36 -20.07
CA ASP A 120 4.13 14.59 -19.15
C ASP A 120 3.40 13.32 -18.79
N ILE A 121 3.84 12.13 -19.24
CA ILE A 121 3.26 10.90 -18.70
C ILE A 121 3.81 10.58 -17.32
N PHE A 122 4.76 11.31 -16.80
CA PHE A 122 5.44 11.08 -15.53
C PHE A 122 5.06 12.13 -14.52
N TYR A 123 4.93 11.72 -13.26
CA TYR A 123 4.81 12.72 -12.19
C TYR A 123 5.98 13.66 -12.26
N THR A 124 5.66 14.96 -12.09
CA THR A 124 6.57 16.06 -12.31
C THR A 124 6.48 17.04 -11.14
N ASN A 125 7.62 17.50 -10.63
CA ASN A 125 7.64 18.48 -9.57
C ASN A 125 7.74 19.90 -10.14
N ARG A 126 7.74 20.89 -9.26
CA ARG A 126 7.67 22.29 -9.76
C ARG A 126 8.90 22.63 -10.61
N SER A 127 10.07 22.08 -10.24
CA SER A 127 11.31 22.29 -10.97
C SER A 127 11.32 21.63 -12.34
N GLY A 128 10.38 20.71 -12.59
CA GLY A 128 10.32 20.12 -13.92
C GLY A 128 10.92 18.73 -14.03
N THR A 129 11.39 18.15 -12.92
CA THR A 129 11.97 16.81 -12.92
C THR A 129 10.88 15.75 -13.13
N ARG A 130 11.17 14.86 -14.07
CA ARG A 130 10.26 13.75 -14.42
C ARG A 130 10.67 12.51 -13.64
N ASN A 131 9.72 11.96 -12.90
CA ASN A 131 9.94 10.72 -12.15
C ASN A 131 9.38 9.53 -12.95
N LYS A 132 10.26 8.62 -13.39
CA LYS A 132 9.87 7.53 -14.30
C LYS A 132 9.37 6.31 -13.58
N GLU A 133 9.05 6.38 -12.28
CA GLU A 133 8.72 5.17 -11.53
C GLU A 133 7.27 4.73 -11.71
N TYR A 134 6.38 5.57 -12.22
CA TYR A 134 4.94 5.31 -12.28
C TYR A 134 4.30 6.30 -13.21
N LEU A 135 3.23 5.94 -13.91
CA LEU A 135 2.55 6.87 -14.80
C LEU A 135 1.65 7.80 -13.99
N THR A 136 1.70 9.12 -14.27
CA THR A 136 0.87 10.07 -13.56
C THR A 136 -0.60 9.68 -13.65
N VAL A 137 -1.33 9.92 -12.56
CA VAL A 137 -2.79 9.88 -12.56
C VAL A 137 -3.31 10.71 -13.71
N GLY A 138 -2.64 11.74 -14.14
CA GLY A 138 -3.02 12.56 -15.26
C GLY A 138 -3.32 11.82 -16.55
N VAL A 139 -2.73 10.65 -16.78
CA VAL A 139 -2.89 9.90 -18.00
C VAL A 139 -3.72 8.66 -17.82
N ASP A 140 -4.41 8.53 -16.68
CA ASP A 140 -5.27 7.40 -16.41
C ASP A 140 -6.25 7.12 -17.54
N ASN A 141 -6.84 8.15 -18.11
CA ASN A 141 -7.89 8.03 -19.11
C ASN A 141 -7.48 8.75 -20.40
N GLU A 142 -6.19 8.89 -20.64
CA GLU A 142 -5.67 9.47 -21.87
C GLU A 142 -5.23 8.33 -22.81
N PRO A 143 -5.84 8.22 -24.00
CA PRO A 143 -5.59 7.05 -24.87
C PRO A 143 -4.34 7.22 -25.72
N ILE A 144 -3.20 7.36 -25.05
CA ILE A 144 -1.93 7.77 -25.65
C ILE A 144 -0.87 6.66 -25.72
N PHE A 145 -1.24 5.45 -25.25
CA PHE A 145 -0.30 4.32 -25.21
C PHE A 145 -0.69 3.35 -26.30
N HIS A 146 -0.29 3.68 -27.55
CA HIS A 146 -0.73 2.92 -28.70
C HIS A 146 -2.21 2.63 -28.66
N GLY A 147 -2.98 3.68 -28.37
CA GLY A 147 -4.43 3.62 -28.36
C GLY A 147 -5.07 3.29 -27.04
N ARG A 148 -4.32 2.78 -26.07
CA ARG A 148 -4.87 2.47 -24.75
C ARG A 148 -4.58 3.61 -23.78
N THR A 149 -5.48 3.72 -22.80
CA THR A 149 -5.24 4.56 -21.64
C THR A 149 -4.40 3.80 -20.58
N ALA A 150 -3.85 4.50 -19.60
CA ALA A 150 -3.12 3.82 -18.55
C ALA A 150 -4.05 2.86 -17.80
N ILE A 151 -5.27 3.24 -17.48
CA ILE A 151 -6.14 2.32 -16.78
C ILE A 151 -6.45 1.10 -17.64
N GLU A 152 -6.60 1.26 -18.95
CA GLU A 152 -6.80 0.09 -19.81
C GLU A 152 -5.60 -0.83 -19.76
N ILE A 153 -4.37 -0.30 -19.76
CA ILE A 153 -3.21 -1.13 -19.58
C ILE A 153 -3.33 -1.96 -18.32
N TYR A 154 -3.67 -1.31 -17.19
CA TYR A 154 -3.71 -2.01 -15.91
C TYR A 154 -4.80 -3.08 -15.94
N SER A 155 -5.95 -2.72 -16.50
CA SER A 155 -7.09 -3.64 -16.65
C SER A 155 -6.76 -4.90 -17.45
N ASP A 156 -6.16 -4.64 -18.60
CA ASP A 156 -5.78 -5.74 -19.50
C ASP A 156 -4.79 -6.66 -18.82
N TYR A 157 -3.87 -6.11 -18.09
CA TYR A 157 -2.86 -6.89 -17.39
C TYR A 157 -3.48 -7.77 -16.34
N MET A 158 -4.40 -7.23 -15.54
CA MET A 158 -5.08 -7.98 -14.49
C MET A 158 -5.94 -9.09 -15.09
N LYS A 159 -6.65 -8.80 -16.20
CA LYS A 159 -7.42 -9.80 -16.88
C LYS A 159 -6.54 -10.96 -17.38
N SER A 160 -5.39 -10.63 -17.96
CA SER A 160 -4.48 -11.64 -18.46
C SER A 160 -3.91 -12.46 -17.32
N PHE A 161 -3.57 -11.84 -16.21
CA PHE A 161 -3.15 -12.58 -15.02
C PHE A 161 -4.25 -13.56 -14.57
N ARG A 162 -5.47 -13.06 -14.47
CA ARG A 162 -6.57 -13.89 -13.97
C ARG A 162 -6.77 -15.13 -14.83
N GLU A 163 -6.70 -14.95 -16.14
CA GLU A 163 -6.92 -16.06 -17.06
C GLU A 163 -5.73 -17.01 -17.08
N ASN A 164 -4.52 -16.50 -17.14
CA ASN A 164 -3.32 -17.33 -17.25
C ASN A 164 -2.97 -18.04 -15.94
N MET A 165 -3.46 -17.52 -14.80
CA MET A 165 -3.30 -18.11 -13.50
C MET A 165 -4.59 -18.74 -13.01
N SER A 166 -5.52 -19.07 -13.90
CA SER A 166 -6.82 -19.51 -13.48
C SER A 166 -6.80 -20.78 -12.64
N ASP A 167 -5.89 -21.68 -12.94
CA ASP A 167 -5.76 -22.92 -12.16
C ASP A 167 -5.35 -22.62 -10.72
N PHE A 168 -4.38 -21.75 -10.54
CA PHE A 168 -3.94 -21.39 -9.17
C PHE A 168 -5.06 -20.67 -8.44
N LEU A 169 -5.77 -19.81 -9.19
CA LEU A 169 -6.88 -19.14 -8.54
C LEU A 169 -7.95 -20.10 -8.08
N GLU A 170 -8.28 -21.04 -8.96
CA GLU A 170 -9.36 -22.02 -8.65
C GLU A 170 -8.98 -22.88 -7.48
N SER A 171 -7.72 -23.21 -7.39
CA SER A 171 -7.21 -24.07 -6.33
C SER A 171 -7.08 -23.34 -5.01
N GLY A 172 -7.26 -22.03 -4.95
CA GLY A 172 -7.18 -21.29 -3.71
C GLY A 172 -5.77 -20.85 -3.34
N LEU A 173 -4.79 -20.93 -4.23
CA LEU A 173 -3.45 -20.49 -3.91
C LEU A 173 -3.42 -19.01 -3.56
N ILE A 174 -4.10 -18.18 -4.28
CA ILE A 174 -4.02 -16.71 -4.17
C ILE A 174 -5.09 -16.17 -3.22
N ILE A 175 -4.69 -15.60 -2.12
CA ILE A 175 -5.65 -15.13 -1.11
C ILE A 175 -6.09 -13.71 -1.41
N ASP A 176 -5.21 -12.87 -1.95
CA ASP A 176 -5.57 -11.50 -2.22
C ASP A 176 -4.70 -11.00 -3.39
N ILE A 177 -5.33 -10.04 -4.08
CA ILE A 177 -4.70 -9.28 -5.16
C ILE A 177 -4.46 -7.87 -4.60
N GLU A 178 -3.18 -7.52 -4.48
CA GLU A 178 -2.79 -6.17 -4.01
C GLU A 178 -2.68 -5.32 -5.26
N VAL A 179 -3.62 -4.38 -5.44
CA VAL A 179 -3.68 -3.62 -6.68
C VAL A 179 -2.71 -2.42 -6.56
N GLY A 180 -1.58 -2.44 -7.24
CA GLY A 180 -0.63 -1.32 -7.17
C GLY A 180 -1.21 -0.06 -7.78
N LEU A 181 -1.06 1.06 -7.06
CA LEU A 181 -1.72 2.31 -7.40
C LEU A 181 -0.76 3.49 -7.45
N GLY A 182 0.55 3.24 -7.40
CA GLY A 182 1.52 4.31 -7.43
C GLY A 182 2.88 3.80 -7.09
N PRO A 183 3.78 4.71 -6.78
CA PRO A 183 5.15 4.42 -6.34
C PRO A 183 5.12 3.39 -5.21
N ALA A 184 6.00 2.39 -5.29
CA ALA A 184 6.14 1.33 -4.31
C ALA A 184 4.83 0.58 -4.15
N GLY A 185 3.97 0.64 -5.18
CA GLY A 185 2.67 0.01 -5.18
C GLY A 185 1.62 0.76 -4.40
N GLU A 186 1.92 1.90 -3.79
CA GLU A 186 1.04 2.57 -2.86
C GLU A 186 0.23 3.66 -3.54
N LEU A 187 -0.98 3.87 -3.02
CA LEU A 187 -1.84 4.95 -3.47
C LEU A 187 -1.30 6.26 -2.86
N ARG A 188 -0.42 6.91 -3.61
CA ARG A 188 0.26 8.11 -3.16
C ARG A 188 0.95 8.78 -4.33
N TYR A 189 1.35 10.04 -4.14
CA TYR A 189 2.31 10.69 -5.02
C TYR A 189 3.73 10.41 -4.62
N PRO A 190 4.67 10.50 -5.56
CA PRO A 190 6.08 10.31 -5.23
C PRO A 190 6.70 11.57 -4.65
N SER A 191 6.23 11.94 -3.48
CA SER A 191 6.60 13.23 -2.85
C SER A 191 7.90 13.18 -2.09
N TYR A 192 8.46 12.00 -1.83
CA TYR A 192 9.72 11.80 -1.10
C TYR A 192 10.68 10.91 -1.89
N PRO A 193 11.06 11.36 -3.07
CA PRO A 193 11.92 10.57 -3.94
C PRO A 193 13.39 10.65 -3.56
N GLN A 194 13.91 9.50 -3.09
CA GLN A 194 15.34 9.40 -2.89
C GLN A 194 16.11 9.76 -4.18
N SER A 195 15.53 9.39 -5.32
CA SER A 195 16.11 9.64 -6.67
C SER A 195 16.38 11.12 -6.92
N GLN A 196 15.66 12.00 -6.22
CA GLN A 196 15.89 13.46 -6.42
C GLN A 196 16.48 14.12 -5.18
N GLY A 197 17.01 13.31 -4.27
CA GLY A 197 17.75 13.86 -3.14
C GLY A 197 16.97 14.06 -1.86
N TRP A 198 15.71 13.62 -1.86
CA TRP A 198 14.99 13.65 -0.59
C TRP A 198 15.67 12.79 0.47
N GLU A 199 15.77 13.03 1.77
CA GLU A 199 16.20 12.52 2.97
C GLU A 199 15.16 12.79 4.02
N PHE A 200 14.81 11.72 4.70
CA PHE A 200 13.97 11.84 5.87
C PHE A 200 14.56 12.86 6.86
N PRO A 201 13.79 13.70 7.52
CA PRO A 201 12.34 13.86 7.41
C PRO A 201 11.88 15.06 6.56
N GLY A 202 12.45 15.23 5.37
CA GLY A 202 12.01 16.38 4.58
C GLY A 202 10.49 16.38 4.31
N ILE A 203 9.86 17.53 4.19
CA ILE A 203 8.45 17.66 3.92
C ILE A 203 8.05 17.06 2.58
N GLY A 204 8.97 16.86 1.65
CA GLY A 204 8.64 16.40 0.32
C GLY A 204 8.11 17.50 -0.54
N GLU A 205 7.64 17.14 -1.75
CA GLU A 205 7.12 18.12 -2.69
C GLU A 205 5.89 17.62 -3.40
N PHE A 206 4.99 18.52 -3.71
CA PHE A 206 3.82 18.27 -4.54
C PHE A 206 4.24 17.82 -5.91
N GLN A 207 3.55 16.83 -6.47
CA GLN A 207 3.91 16.15 -7.73
C GLN A 207 2.85 16.27 -8.78
N CYS A 208 2.32 17.50 -8.97
CA CYS A 208 1.16 17.75 -9.81
C CYS A 208 1.43 18.72 -10.96
N TYR A 209 2.69 18.78 -11.40
CA TYR A 209 3.09 19.78 -12.38
C TYR A 209 3.17 19.23 -13.80
N ASP A 210 2.88 17.94 -14.01
CA ASP A 210 2.71 17.46 -15.38
C ASP A 210 1.57 18.19 -16.05
N LYS A 211 1.61 18.26 -17.40
CA LYS A 211 0.66 19.11 -18.10
C LYS A 211 -0.80 18.70 -17.93
N TYR A 212 -1.01 17.39 -17.71
CA TYR A 212 -2.37 16.87 -17.56
C TYR A 212 -2.97 17.31 -16.22
N LEU A 213 -2.22 17.07 -15.15
CA LEU A 213 -2.69 17.54 -13.86
C LEU A 213 -2.80 19.06 -13.75
N LYS A 214 -1.81 19.74 -14.34
CA LYS A 214 -1.83 21.19 -14.27
C LYS A 214 -3.11 21.67 -14.98
N ALA A 215 -3.42 21.14 -16.17
CA ALA A 215 -4.61 21.61 -16.89
C ALA A 215 -5.89 21.31 -16.14
N ASP A 216 -5.96 20.13 -15.52
CA ASP A 216 -7.10 19.72 -14.73
C ASP A 216 -7.31 20.69 -13.57
N PHE A 217 -6.22 20.99 -12.84
CA PHE A 217 -6.28 21.97 -11.76
C PHE A 217 -6.79 23.32 -12.29
N LYS A 218 -6.20 23.78 -13.39
CA LYS A 218 -6.59 25.12 -13.89
C LYS A 218 -8.03 25.17 -14.29
N ALA A 219 -8.55 24.07 -14.82
CA ALA A 219 -9.97 24.05 -15.16
C ALA A 219 -10.86 24.08 -13.93
N ALA A 220 -10.43 23.32 -12.91
CA ALA A 220 -11.17 23.26 -11.65
C ALA A 220 -11.18 24.61 -10.94
N VAL A 221 -10.03 25.31 -10.90
CA VAL A 221 -10.09 26.63 -10.22
C VAL A 221 -10.95 27.61 -10.98
N ALA A 222 -10.95 27.52 -12.32
CA ALA A 222 -11.84 28.39 -13.10
C ALA A 222 -13.28 28.10 -12.78
N ARG A 223 -13.67 26.84 -12.68
CA ARG A 223 -15.04 26.47 -12.31
C ARG A 223 -15.38 26.95 -10.92
N ALA A 224 -14.40 27.10 -10.05
CA ALA A 224 -14.61 27.57 -8.69
C ALA A 224 -14.66 29.08 -8.66
N GLY A 225 -14.51 29.77 -9.76
CA GLY A 225 -14.58 31.23 -9.82
C GLY A 225 -13.25 31.90 -9.59
N HIS A 226 -12.16 31.18 -9.65
CA HIS A 226 -10.83 31.69 -9.45
C HIS A 226 -9.87 31.22 -10.54
N PRO A 227 -10.11 31.65 -11.78
CA PRO A 227 -9.28 31.15 -12.86
C PRO A 227 -7.80 31.51 -12.76
N GLU A 228 -7.49 32.55 -11.99
CA GLU A 228 -6.10 32.96 -11.81
C GLU A 228 -5.29 32.17 -10.82
N TRP A 229 -5.94 31.34 -10.02
CA TRP A 229 -5.17 30.56 -9.07
C TRP A 229 -4.19 29.66 -9.82
N GLU A 230 -2.99 29.59 -9.28
CA GLU A 230 -1.92 28.73 -9.77
C GLU A 230 -1.58 27.66 -8.75
N LEU A 231 -0.91 26.61 -9.17
CA LEU A 231 -0.38 25.56 -8.30
C LEU A 231 0.57 26.18 -7.28
N PRO A 232 0.76 25.54 -6.13
CA PRO A 232 1.59 26.17 -5.08
C PRO A 232 2.96 26.57 -5.54
N ASP A 233 3.33 27.78 -5.12
CA ASP A 233 4.64 28.30 -5.46
C ASP A 233 5.42 28.71 -4.21
N ASP A 234 4.91 28.42 -3.04
CA ASP A 234 5.57 28.75 -1.79
C ASP A 234 5.71 27.57 -0.85
N ALA A 235 5.75 26.37 -1.38
CA ALA A 235 5.83 25.16 -0.57
C ALA A 235 7.24 24.66 -0.37
N GLY A 236 8.28 25.35 -0.80
CA GLY A 236 9.65 24.92 -0.54
C GLY A 236 10.04 23.72 -1.38
N LYS A 237 11.02 23.02 -0.85
CA LYS A 237 11.69 21.93 -1.49
C LYS A 237 11.73 20.67 -0.60
N TYR A 238 12.10 19.57 -1.25
CA TYR A 238 12.04 18.24 -0.64
C TYR A 238 12.53 18.21 0.81
N ASN A 239 13.66 18.86 1.08
CA ASN A 239 14.21 18.80 2.41
C ASN A 239 13.99 19.89 3.40
N ASP A 240 13.07 20.73 3.00
CA ASP A 240 12.65 21.75 3.96
C ASP A 240 11.88 21.19 5.14
N VAL A 241 11.80 22.03 6.16
CA VAL A 241 10.91 21.91 7.29
C VAL A 241 9.70 22.83 7.07
N PRO A 242 8.56 22.52 7.63
CA PRO A 242 7.34 23.27 7.26
C PRO A 242 7.42 24.75 7.60
N GLU A 243 8.06 25.12 8.71
CA GLU A 243 8.05 26.52 9.13
C GLU A 243 8.90 27.38 8.21
N SER A 244 9.73 26.82 7.36
CA SER A 244 10.53 27.54 6.37
C SER A 244 9.73 27.90 5.11
N THR A 245 8.48 27.48 5.03
CA THR A 245 7.72 27.67 3.78
C THR A 245 6.49 28.54 4.00
N GLY A 246 6.12 29.33 2.99
CA GLY A 246 4.91 30.10 3.03
C GLY A 246 3.69 29.24 3.06
N PHE A 247 3.80 28.02 2.45
CA PHE A 247 2.63 27.19 2.30
C PHE A 247 2.20 26.55 3.59
N PHE A 248 3.08 26.04 4.42
CA PHE A 248 2.90 25.22 5.59
C PHE A 248 3.17 25.92 6.92
N LYS A 249 3.70 27.15 6.91
CA LYS A 249 3.84 27.89 8.15
C LYS A 249 2.47 28.12 8.74
N SER A 250 2.45 28.45 10.05
CA SER A 250 1.23 28.88 10.74
C SER A 250 0.54 30.01 10.00
N ASN A 251 -0.74 29.91 9.80
CA ASN A 251 -1.52 30.90 9.07
C ASN A 251 -1.07 31.00 7.61
N GLY A 252 -0.38 29.98 7.11
CA GLY A 252 0.18 29.96 5.76
C GLY A 252 -0.84 29.61 4.69
N THR A 253 -0.31 29.40 3.49
CA THR A 253 -1.24 29.24 2.34
C THR A 253 -2.13 28.03 2.49
N TYR A 254 -1.66 26.99 3.20
CA TYR A 254 -2.48 25.78 3.30
C TYR A 254 -3.83 25.99 3.94
N VAL A 255 -3.99 27.08 4.73
CA VAL A 255 -5.28 27.29 5.39
C VAL A 255 -6.11 28.34 4.69
N THR A 256 -5.63 28.89 3.61
CA THR A 256 -6.38 29.85 2.80
C THR A 256 -7.35 29.15 1.91
N GLU A 257 -8.32 29.88 1.36
CA GLU A 257 -9.26 29.26 0.45
C GLU A 257 -8.55 28.61 -0.74
N LYS A 258 -7.53 29.27 -1.30
CA LYS A 258 -6.74 28.74 -2.42
C LYS A 258 -6.04 27.45 -2.02
N GLY A 259 -5.37 27.46 -0.86
CA GLY A 259 -4.62 26.31 -0.45
C GLY A 259 -5.52 25.13 -0.17
N LYS A 260 -6.67 25.36 0.50
CA LYS A 260 -7.60 24.31 0.81
C LYS A 260 -8.20 23.70 -0.47
N PHE A 261 -8.46 24.56 -1.44
CA PHE A 261 -9.01 24.08 -2.71
C PHE A 261 -7.98 23.16 -3.36
N PHE A 262 -6.75 23.63 -3.46
CA PHE A 262 -5.68 22.86 -4.06
C PHE A 262 -5.57 21.49 -3.36
N LEU A 263 -5.50 21.50 -2.04
CA LEU A 263 -5.25 20.28 -1.31
C LEU A 263 -6.40 19.29 -1.49
N THR A 264 -7.63 19.78 -1.58
CA THR A 264 -8.78 18.95 -1.83
C THR A 264 -8.70 18.34 -3.23
N TRP A 265 -8.35 19.17 -4.21
CA TRP A 265 -8.25 18.72 -5.60
C TRP A 265 -7.20 17.64 -5.69
N TYR A 266 -6.03 17.87 -5.08
CA TYR A 266 -4.86 17.01 -5.18
C TYR A 266 -5.13 15.67 -4.56
N SER A 267 -5.73 15.66 -3.37
CA SER A 267 -6.05 14.43 -2.67
C SER A 267 -7.21 13.69 -3.33
N ASN A 268 -8.17 14.43 -3.91
CA ASN A 268 -9.25 13.79 -4.65
C ASN A 268 -8.75 13.03 -5.86
N LYS A 269 -7.70 13.50 -6.49
CA LYS A 269 -7.19 12.77 -7.66
C LYS A 269 -6.84 11.34 -7.23
N LEU A 270 -6.25 11.14 -6.04
CA LEU A 270 -5.91 9.79 -5.59
C LEU A 270 -7.13 8.96 -5.27
N LEU A 271 -8.13 9.55 -4.62
CA LEU A 271 -9.37 8.82 -4.36
C LEU A 271 -9.97 8.27 -5.64
N ASN A 272 -10.06 9.12 -6.65
CA ASN A 272 -10.64 8.72 -7.90
C ASN A 272 -9.78 7.73 -8.68
N HIS A 273 -8.46 7.88 -8.63
CA HIS A 273 -7.52 6.96 -9.26
C HIS A 273 -7.70 5.56 -8.67
N GLY A 274 -7.72 5.45 -7.35
CA GLY A 274 -7.95 4.18 -6.70
C GLY A 274 -9.29 3.58 -7.01
N ASP A 275 -10.36 4.40 -6.99
CA ASP A 275 -11.71 3.91 -7.25
C ASP A 275 -11.85 3.32 -8.64
N GLN A 276 -11.35 4.07 -9.63
CA GLN A 276 -11.46 3.67 -11.03
C GLN A 276 -10.64 2.41 -11.34
N ILE A 277 -9.46 2.31 -10.76
CA ILE A 277 -8.64 1.13 -11.00
C ILE A 277 -9.21 -0.07 -10.27
N LEU A 278 -9.71 0.13 -9.06
CA LEU A 278 -10.37 -0.97 -8.37
C LEU A 278 -11.60 -1.43 -9.13
N ASP A 279 -12.32 -0.55 -9.82
CA ASP A 279 -13.44 -1.00 -10.65
C ASP A 279 -12.94 -2.03 -11.66
N GLU A 280 -11.80 -1.75 -12.26
CA GLU A 280 -11.21 -2.68 -13.25
C GLU A 280 -10.73 -3.95 -12.62
N ALA A 281 -10.15 -3.86 -11.41
CA ALA A 281 -9.71 -5.06 -10.71
C ALA A 281 -10.89 -5.96 -10.36
N ASN A 282 -12.00 -5.37 -9.93
CA ASN A 282 -13.20 -6.13 -9.66
C ASN A 282 -13.71 -6.81 -10.89
N LYS A 283 -13.72 -6.13 -12.03
CA LYS A 283 -14.11 -6.78 -13.27
C LYS A 283 -13.15 -7.91 -13.62
N ALA A 284 -11.85 -7.70 -13.51
CA ALA A 284 -10.89 -8.74 -13.89
C ALA A 284 -11.00 -10.00 -13.04
N PHE A 285 -11.24 -9.86 -11.74
CA PHE A 285 -11.24 -10.99 -10.81
C PHE A 285 -12.60 -11.42 -10.37
N LEU A 286 -13.65 -10.91 -11.02
CA LEU A 286 -15.04 -11.24 -10.69
C LEU A 286 -15.21 -12.76 -10.62
N GLY A 287 -15.78 -13.24 -9.52
CA GLY A 287 -16.04 -14.68 -9.32
C GLY A 287 -14.89 -15.44 -8.76
N CYS A 288 -13.68 -14.90 -8.74
CA CYS A 288 -12.54 -15.61 -8.19
C CYS A 288 -12.59 -15.58 -6.67
N LYS A 289 -12.06 -16.61 -6.02
CA LYS A 289 -12.01 -16.65 -4.57
C LYS A 289 -10.74 -15.94 -4.08
N VAL A 290 -10.79 -14.62 -4.22
CA VAL A 290 -9.73 -13.72 -3.77
C VAL A 290 -10.42 -12.48 -3.16
N LYS A 291 -9.68 -11.76 -2.35
CA LYS A 291 -10.03 -10.41 -1.99
C LYS A 291 -9.10 -9.41 -2.71
N LEU A 292 -9.60 -8.20 -2.87
CA LEU A 292 -8.81 -7.09 -3.36
C LEU A 292 -8.24 -6.26 -2.19
N ALA A 293 -7.07 -5.74 -2.39
CA ALA A 293 -6.40 -4.88 -1.42
C ALA A 293 -5.71 -3.71 -2.09
N ILE A 294 -5.54 -2.61 -1.37
CA ILE A 294 -4.67 -1.54 -1.77
C ILE A 294 -3.64 -1.25 -0.66
N LYS A 295 -2.60 -0.55 -1.02
CA LYS A 295 -1.57 -0.17 -0.05
C LYS A 295 -1.59 1.33 0.18
N VAL A 296 -1.60 1.69 1.46
CA VAL A 296 -1.51 3.09 1.92
C VAL A 296 -0.20 3.27 2.65
N SER A 297 0.63 4.21 2.25
CA SER A 297 1.90 4.50 2.88
C SER A 297 1.70 5.21 4.24
N GLY A 298 2.65 4.95 5.15
CA GLY A 298 2.61 5.56 6.46
C GLY A 298 3.53 6.77 6.56
N ILE A 299 2.96 7.95 6.35
CA ILE A 299 3.75 9.18 6.35
C ILE A 299 3.67 9.78 7.73
N HIS A 300 4.56 9.29 8.61
CA HIS A 300 4.48 9.60 10.03
C HIS A 300 5.21 10.90 10.41
N TRP A 301 6.11 11.36 9.57
CA TRP A 301 6.88 12.56 9.88
C TRP A 301 5.96 13.77 9.61
N TRP A 302 6.02 14.72 10.56
CA TRP A 302 5.22 15.93 10.62
C TRP A 302 3.80 15.62 11.05
N TYR A 303 3.47 14.37 11.41
CA TYR A 303 2.11 14.09 11.89
C TYR A 303 1.81 14.88 13.13
N LYS A 304 2.82 15.16 13.94
CA LYS A 304 2.61 15.84 15.21
C LYS A 304 2.60 17.35 15.17
N VAL A 305 2.62 17.95 13.98
CA VAL A 305 2.42 19.40 13.84
C VAL A 305 1.17 19.65 13.00
N GLU A 306 0.59 20.84 13.11
CA GLU A 306 -0.74 21.06 12.64
C GLU A 306 -0.78 21.03 11.12
N ASN A 307 0.32 21.24 10.43
CA ASN A 307 0.31 21.26 8.98
C ASN A 307 0.44 19.86 8.32
N HIS A 308 0.85 18.84 9.06
CA HIS A 308 0.96 17.48 8.46
C HIS A 308 1.62 17.51 7.10
N ALA A 309 2.72 18.24 6.95
CA ALA A 309 3.12 18.65 5.61
C ALA A 309 3.48 17.47 4.74
N ALA A 310 4.13 16.45 5.29
CA ALA A 310 4.55 15.33 4.45
C ALA A 310 3.36 14.48 4.02
N GLU A 311 2.36 14.34 4.89
CA GLU A 311 1.13 13.68 4.46
C GLU A 311 0.54 14.44 3.27
N LEU A 312 0.43 15.76 3.44
CA LEU A 312 -0.18 16.59 2.39
C LEU A 312 0.56 16.45 1.08
N THR A 313 1.89 16.51 1.06
CA THR A 313 2.55 16.41 -0.23
C THR A 313 2.42 14.99 -0.83
N ALA A 314 2.27 13.97 -0.01
CA ALA A 314 2.04 12.61 -0.48
C ALA A 314 0.66 12.42 -1.05
N GLY A 315 -0.28 13.33 -0.78
CA GLY A 315 -1.64 13.28 -1.27
C GLY A 315 -2.68 12.82 -0.25
N TYR A 316 -2.26 12.68 1.02
CA TYR A 316 -3.17 12.33 2.11
C TYR A 316 -3.53 13.65 2.84
N TYR A 317 -4.72 14.16 2.58
CA TYR A 317 -5.06 15.48 3.08
C TYR A 317 -5.62 15.32 4.49
N ASN A 318 -4.68 15.04 5.39
CA ASN A 318 -4.97 14.69 6.75
C ASN A 318 -4.47 15.81 7.69
N LEU A 319 -5.36 16.36 8.47
CA LEU A 319 -5.05 17.47 9.38
C LEU A 319 -5.57 17.11 10.75
N ASN A 320 -5.32 17.93 11.76
CA ASN A 320 -5.88 17.66 13.07
C ASN A 320 -7.40 17.70 13.10
N ASP A 321 -7.97 18.42 12.12
CA ASP A 321 -9.42 18.63 12.03
C ASP A 321 -9.96 18.17 10.67
N ARG A 322 -9.28 17.28 9.97
CA ARG A 322 -9.76 16.74 8.70
C ARG A 322 -9.19 15.34 8.52
N ASP A 323 -10.03 14.30 8.50
CA ASP A 323 -9.53 12.95 8.39
C ASP A 323 -9.23 12.62 6.92
N GLY A 324 -7.95 12.52 6.56
CA GLY A 324 -7.57 12.25 5.17
C GLY A 324 -7.55 10.79 4.82
N TYR A 325 -7.77 9.88 5.78
CA TYR A 325 -7.70 8.45 5.55
C TYR A 325 -9.08 7.80 5.53
N ARG A 326 -10.01 8.21 6.36
CA ARG A 326 -11.31 7.59 6.38
C ARG A 326 -12.03 7.71 5.04
N PRO A 327 -11.86 8.78 4.26
CA PRO A 327 -12.41 8.76 2.89
C PRO A 327 -11.85 7.64 2.01
N ILE A 328 -10.57 7.33 2.18
CA ILE A 328 -9.98 6.20 1.44
C ILE A 328 -10.66 4.92 1.87
N ALA A 329 -10.85 4.71 3.18
CA ALA A 329 -11.56 3.51 3.68
C ALA A 329 -12.99 3.44 3.12
N ARG A 330 -13.67 4.58 3.08
CA ARG A 330 -15.03 4.59 2.55
C ARG A 330 -15.05 4.21 1.07
N MET A 331 -14.10 4.73 0.29
CA MET A 331 -13.95 4.38 -1.12
C MET A 331 -13.75 2.87 -1.28
N LEU A 332 -12.95 2.25 -0.39
CA LEU A 332 -12.69 0.81 -0.45
C LEU A 332 -13.91 -0.02 -0.15
N SER A 333 -14.83 0.53 0.64
CA SER A 333 -15.96 -0.26 1.07
C SER A 333 -16.80 -0.77 -0.10
N ARG A 334 -17.03 0.04 -1.13
CA ARG A 334 -17.86 -0.41 -2.24
C ARG A 334 -17.16 -1.56 -3.01
N HIS A 335 -15.84 -1.68 -2.89
CA HIS A 335 -15.09 -2.72 -3.54
C HIS A 335 -14.87 -3.91 -2.62
N HIS A 336 -15.39 -3.83 -1.43
CA HIS A 336 -15.18 -4.85 -0.44
C HIS A 336 -13.69 -5.13 -0.27
N ALA A 337 -12.87 -4.07 -0.33
CA ALA A 337 -11.43 -4.20 -0.41
C ALA A 337 -10.75 -3.95 0.94
N ILE A 338 -9.56 -4.47 1.07
CA ILE A 338 -8.69 -4.36 2.24
C ILE A 338 -7.80 -3.13 2.15
N LEU A 339 -7.70 -2.38 3.24
CA LEU A 339 -6.74 -1.30 3.37
C LEU A 339 -5.49 -1.90 4.00
N ASN A 340 -4.42 -2.03 3.24
CA ASN A 340 -3.13 -2.52 3.77
C ASN A 340 -2.27 -1.28 4.10
N PHE A 341 -2.10 -1.02 5.38
CA PHE A 341 -1.31 0.13 5.84
C PHE A 341 0.12 -0.28 6.08
N VAL A 342 1.08 0.32 5.36
CA VAL A 342 2.38 -0.30 5.24
C VAL A 342 3.48 0.19 6.17
N CYS A 343 3.11 0.84 7.27
CA CYS A 343 4.04 1.22 8.32
C CYS A 343 3.51 0.88 9.68
N LEU A 344 3.63 -0.38 10.09
CA LEU A 344 2.93 -0.87 11.25
C LEU A 344 3.75 -1.06 12.51
N GLU A 345 5.06 -1.12 12.42
CA GLU A 345 5.89 -1.63 13.50
C GLU A 345 6.48 -0.57 14.43
N MET A 346 6.31 0.69 14.11
CA MET A 346 7.09 1.74 14.76
C MET A 346 6.48 2.25 16.05
N ARG A 347 7.42 2.69 16.91
CA ARG A 347 7.05 3.46 18.10
C ARG A 347 7.63 4.86 17.94
N ASP A 348 6.88 5.81 18.55
CA ASP A 348 7.23 7.24 18.44
C ASP A 348 8.63 7.51 18.95
N SER A 349 9.00 6.78 20.00
CA SER A 349 10.30 6.99 20.63
C SER A 349 11.45 6.59 19.75
N GLU A 350 11.20 5.85 18.66
CA GLU A 350 12.22 5.44 17.70
C GLU A 350 12.62 6.50 16.70
N GLN A 351 11.83 7.58 16.70
CA GLN A 351 12.02 8.60 15.67
C GLN A 351 12.65 9.83 16.30
N PRO A 352 13.48 10.57 15.57
CA PRO A 352 14.11 11.76 16.13
C PRO A 352 13.02 12.82 16.40
N SER A 353 13.21 13.55 17.47
CA SER A 353 12.29 14.60 17.92
C SER A 353 12.06 15.59 16.80
N ASP A 354 13.06 15.91 15.99
CA ASP A 354 12.91 16.97 14.98
C ASP A 354 12.05 16.52 13.82
N ALA A 355 11.70 15.25 13.75
CA ALA A 355 10.80 14.79 12.70
C ALA A 355 9.34 14.92 13.06
N LYS A 356 9.01 15.28 14.29
CA LYS A 356 7.62 15.48 14.69
C LYS A 356 6.75 14.29 14.25
N SER A 357 7.26 13.11 14.60
CA SER A 357 6.79 11.84 14.05
C SER A 357 5.83 11.12 14.96
N GLY A 358 4.68 10.71 14.43
CA GLY A 358 3.61 10.08 15.17
C GLY A 358 3.13 8.76 14.60
N PRO A 359 4.01 7.78 14.35
CA PRO A 359 3.54 6.53 13.72
C PRO A 359 2.50 5.81 14.55
N GLN A 360 2.63 5.82 15.90
CA GLN A 360 1.64 5.10 16.70
C GLN A 360 0.25 5.66 16.53
N GLU A 361 0.16 6.98 16.57
CA GLU A 361 -1.13 7.66 16.47
C GLU A 361 -1.68 7.56 15.05
N LEU A 362 -0.80 7.63 14.05
CA LEU A 362 -1.20 7.48 12.65
C LEU A 362 -1.81 6.07 12.41
N VAL A 363 -1.12 5.03 12.87
CA VAL A 363 -1.69 3.68 12.80
C VAL A 363 -3.06 3.61 13.45
N GLN A 364 -3.17 4.15 14.68
CA GLN A 364 -4.45 4.11 15.38
C GLN A 364 -5.52 4.82 14.56
N GLN A 365 -5.19 5.98 13.94
CA GLN A 365 -6.15 6.70 13.15
C GLN A 365 -6.59 5.89 11.94
N VAL A 366 -5.65 5.33 11.19
CA VAL A 366 -6.00 4.65 9.93
C VAL A 366 -6.78 3.40 10.21
N LEU A 367 -6.32 2.58 11.16
CA LEU A 367 -7.03 1.35 11.47
C LEU A 367 -8.44 1.66 11.99
N SER A 368 -8.53 2.68 12.89
CA SER A 368 -9.83 3.02 13.42
C SER A 368 -10.77 3.45 12.30
N GLY A 369 -10.28 4.24 11.36
CA GLY A 369 -11.12 4.69 10.26
C GLY A 369 -11.62 3.54 9.43
N GLY A 370 -10.75 2.56 9.18
CA GLY A 370 -11.17 1.36 8.42
C GLY A 370 -12.26 0.62 9.18
N TRP A 371 -12.07 0.40 10.49
CA TRP A 371 -13.08 -0.29 11.26
C TRP A 371 -14.40 0.50 11.38
N ARG A 372 -14.29 1.83 11.51
CA ARG A 372 -15.48 2.71 11.54
C ARG A 372 -16.27 2.58 10.26
N GLU A 373 -15.58 2.42 9.13
CA GLU A 373 -16.19 2.26 7.82
C GLU A 373 -16.52 0.81 7.44
N ASP A 374 -16.32 -0.09 8.39
CA ASP A 374 -16.65 -1.50 8.27
C ASP A 374 -15.94 -2.14 7.08
N ILE A 375 -14.65 -1.88 6.98
CA ILE A 375 -13.77 -2.59 6.04
C ILE A 375 -12.68 -3.34 6.78
N ARG A 376 -12.05 -4.27 6.05
CA ARG A 376 -10.91 -5.01 6.58
C ARG A 376 -9.64 -4.15 6.47
N VAL A 377 -8.81 -4.26 7.49
CA VAL A 377 -7.54 -3.52 7.55
C VAL A 377 -6.39 -4.50 7.82
N ALA A 378 -5.37 -4.45 6.98
CA ALA A 378 -4.16 -5.24 7.07
C ALA A 378 -2.97 -4.31 7.16
N GLY A 379 -1.77 -4.85 7.25
CA GLY A 379 -0.59 -4.01 7.32
C GLY A 379 0.70 -4.68 7.07
N GLU A 380 1.78 -3.92 7.10
CA GLU A 380 3.13 -4.34 6.87
C GLU A 380 4.08 -3.58 7.79
N ASN A 381 5.24 -4.15 8.14
CA ASN A 381 6.28 -3.30 8.68
C ASN A 381 6.95 -2.51 7.54
N ALA A 382 7.33 -1.27 7.81
CA ALA A 382 7.97 -0.41 6.82
C ALA A 382 9.42 -0.75 6.55
N LEU A 383 10.16 -1.01 7.65
CA LEU A 383 11.60 -1.21 7.63
C LEU A 383 11.96 -2.59 8.15
N PRO A 384 13.08 -3.12 7.71
CA PRO A 384 13.51 -4.43 8.28
C PRO A 384 13.64 -4.38 9.77
N ARG A 385 13.09 -5.32 10.49
CA ARG A 385 13.17 -5.44 11.94
C ARG A 385 13.14 -6.92 12.28
N TYR A 386 14.04 -7.30 13.22
CA TYR A 386 14.14 -8.67 13.70
C TYR A 386 13.92 -8.80 15.19
N ASP A 387 13.56 -7.68 15.85
CA ASP A 387 13.56 -7.59 17.30
C ASP A 387 12.19 -7.67 17.94
N ALA A 388 12.20 -8.07 19.19
CA ALA A 388 11.00 -8.21 19.98
C ALA A 388 10.23 -6.93 20.11
N THR A 389 10.86 -5.76 20.19
CA THR A 389 10.11 -4.50 20.30
C THR A 389 9.19 -4.33 19.12
N ALA A 390 9.73 -4.57 17.93
CA ALA A 390 8.96 -4.48 16.69
C ALA A 390 7.81 -5.47 16.65
N TYR A 391 8.13 -6.75 16.95
CA TYR A 391 7.08 -7.76 16.86
C TYR A 391 5.97 -7.49 17.87
N ASN A 392 6.28 -7.06 19.10
CA ASN A 392 5.26 -6.77 20.09
C ASN A 392 4.39 -5.58 19.65
N GLN A 393 5.01 -4.57 18.99
CA GLN A 393 4.21 -3.45 18.48
C GLN A 393 3.26 -3.90 17.36
N ILE A 394 3.75 -4.78 16.49
CA ILE A 394 2.87 -5.33 15.44
C ILE A 394 1.71 -6.11 16.06
N ILE A 395 2.03 -6.98 17.04
CA ILE A 395 0.99 -7.77 17.70
C ILE A 395 -0.03 -6.90 18.39
N LEU A 396 0.44 -5.81 19.04
CA LEU A 396 -0.47 -4.82 19.63
C LEU A 396 -1.42 -4.27 18.60
N ASN A 397 -0.88 -3.77 17.50
CA ASN A 397 -1.73 -3.20 16.47
C ASN A 397 -2.69 -4.25 15.85
N ALA A 398 -2.25 -5.52 15.82
CA ALA A 398 -3.07 -6.57 15.25
C ALA A 398 -4.32 -6.81 16.05
N ARG A 399 -4.24 -6.68 17.37
CA ARG A 399 -5.38 -6.86 18.29
C ARG A 399 -5.27 -5.78 19.35
N PRO A 400 -5.68 -4.55 19.07
CA PRO A 400 -5.35 -3.44 19.97
C PRO A 400 -6.06 -3.47 21.32
N GLN A 401 -7.07 -4.29 21.48
CA GLN A 401 -7.70 -4.46 22.78
C GLN A 401 -7.45 -5.84 23.32
N GLY A 402 -6.50 -6.58 22.73
CA GLY A 402 -6.12 -7.87 23.24
C GLY A 402 -6.99 -9.01 22.73
N VAL A 403 -6.71 -10.16 23.28
CA VAL A 403 -7.45 -11.36 22.93
C VAL A 403 -8.77 -11.35 23.68
N ASN A 404 -9.76 -11.89 23.01
CA ASN A 404 -11.04 -12.17 23.64
C ASN A 404 -11.08 -13.63 24.04
N ASN A 405 -11.10 -13.81 25.36
CA ASN A 405 -11.00 -15.23 25.72
C ASN A 405 -12.32 -15.91 25.34
N ASN A 406 -13.38 -15.14 25.26
CA ASN A 406 -14.76 -15.55 25.15
C ASN A 406 -15.27 -15.55 23.71
N GLY A 407 -14.39 -15.36 22.71
CA GLY A 407 -14.93 -15.29 21.36
C GLY A 407 -14.01 -14.52 20.45
N PRO A 408 -14.48 -14.05 19.31
CA PRO A 408 -13.61 -13.26 18.45
C PRO A 408 -13.28 -11.94 19.14
N PRO A 409 -12.16 -11.36 18.81
CA PRO A 409 -11.80 -10.03 19.38
C PRO A 409 -12.68 -8.91 18.90
N LYS A 410 -13.02 -7.81 19.63
CA LYS A 410 -13.94 -6.86 18.97
C LYS A 410 -13.07 -6.17 17.93
N LEU A 411 -11.78 -6.02 18.10
CA LEU A 411 -10.97 -5.41 17.04
C LEU A 411 -9.81 -6.31 16.64
N SER A 412 -9.66 -6.52 15.33
CA SER A 412 -8.47 -7.21 14.86
C SER A 412 -8.15 -6.81 13.43
N MET A 413 -6.87 -6.77 13.14
CA MET A 413 -6.44 -6.69 11.75
C MET A 413 -6.72 -7.97 11.01
N PHE A 414 -6.83 -7.86 9.70
CA PHE A 414 -7.15 -9.00 8.82
C PHE A 414 -5.92 -9.80 8.45
N GLY A 415 -4.74 -9.28 8.65
CA GLY A 415 -3.48 -9.92 8.33
C GLY A 415 -2.33 -8.94 8.44
N VAL A 416 -1.12 -9.49 8.57
CA VAL A 416 0.10 -8.71 8.53
C VAL A 416 1.10 -9.39 7.59
N THR A 417 1.71 -8.62 6.75
CA THR A 417 2.77 -9.10 5.84
C THR A 417 4.10 -8.51 6.27
N TYR A 418 5.03 -9.39 6.56
CA TYR A 418 6.35 -9.09 7.08
C TYR A 418 7.35 -8.89 5.92
N LEU A 419 7.97 -7.72 5.97
CA LEU A 419 9.05 -7.35 5.09
C LEU A 419 10.38 -7.74 5.73
N ARG A 420 11.19 -8.66 5.25
CA ARG A 420 11.02 -9.51 4.09
C ARG A 420 11.85 -10.76 4.32
N LEU A 421 11.52 -11.81 3.56
CA LEU A 421 12.37 -13.00 3.61
C LEU A 421 13.78 -12.64 3.18
N SER A 422 14.76 -13.06 3.92
CA SER A 422 16.17 -12.82 3.71
C SER A 422 16.95 -13.90 4.49
N ASP A 423 18.21 -14.07 4.17
CA ASP A 423 19.01 -15.00 4.95
C ASP A 423 19.10 -14.55 6.41
N ASP A 424 19.11 -13.24 6.67
CA ASP A 424 19.15 -12.77 8.05
C ASP A 424 17.96 -13.21 8.88
N LEU A 425 16.76 -13.27 8.39
CA LEU A 425 15.55 -13.66 9.03
C LEU A 425 15.71 -15.10 9.54
N LEU A 426 16.38 -15.91 8.70
CA LEU A 426 16.46 -17.35 8.96
C LEU A 426 17.58 -17.77 9.90
N GLN A 427 18.42 -16.84 10.35
CA GLN A 427 19.46 -17.14 11.31
C GLN A 427 18.84 -17.54 12.63
N LYS A 428 19.53 -18.36 13.41
CA LYS A 428 18.96 -19.07 14.54
C LYS A 428 18.16 -18.18 15.47
N SER A 429 18.77 -17.14 16.02
CA SER A 429 18.04 -16.31 17.00
C SER A 429 16.94 -15.49 16.36
N ASN A 430 17.26 -14.85 15.23
CA ASN A 430 16.23 -14.05 14.55
C ASN A 430 15.04 -14.92 14.24
N PHE A 431 15.28 -16.14 13.76
CA PHE A 431 14.16 -16.96 13.32
C PHE A 431 13.40 -17.48 14.53
N ASN A 432 14.10 -17.74 15.64
CA ASN A 432 13.44 -18.15 16.86
C ASN A 432 12.45 -17.09 17.36
N ILE A 433 12.88 -15.82 17.33
CA ILE A 433 12.01 -14.72 17.73
C ILE A 433 10.87 -14.58 16.72
N PHE A 434 11.15 -14.71 15.42
CA PHE A 434 10.07 -14.67 14.43
C PHE A 434 9.04 -15.74 14.65
N LYS A 435 9.47 -16.95 15.01
CA LYS A 435 8.54 -18.03 15.28
C LYS A 435 7.66 -17.70 16.44
N LYS A 436 8.19 -17.01 17.47
CA LYS A 436 7.34 -16.57 18.56
C LYS A 436 6.32 -15.50 18.13
N PHE A 437 6.78 -14.57 17.26
CA PHE A 437 5.87 -13.60 16.66
C PHE A 437 4.71 -14.28 15.96
N VAL A 438 5.01 -15.30 15.14
CA VAL A 438 3.94 -16.01 14.44
C VAL A 438 2.98 -16.65 15.42
N LEU A 439 3.56 -17.32 16.43
CA LEU A 439 2.71 -17.95 17.41
C LEU A 439 1.74 -16.97 18.11
N LYS A 440 2.27 -15.79 18.50
CA LYS A 440 1.44 -14.82 19.18
C LYS A 440 0.44 -14.15 18.28
N MET A 441 0.76 -13.91 17.02
CA MET A 441 -0.19 -13.46 16.04
C MET A 441 -1.32 -14.47 15.93
N HIS A 442 -0.95 -15.77 15.99
CA HIS A 442 -1.89 -16.88 15.97
C HIS A 442 -2.56 -17.15 17.31
N ALA A 443 -2.43 -16.21 18.25
CA ALA A 443 -3.15 -16.31 19.53
C ALA A 443 -2.76 -17.62 20.25
N ASP A 444 -1.51 -18.00 20.18
CA ASP A 444 -0.97 -19.18 20.83
C ASP A 444 -1.46 -20.49 20.22
N GLN A 445 -2.17 -20.44 19.09
CA GLN A 445 -2.64 -21.63 18.42
C GLN A 445 -1.60 -22.09 17.38
N ASP A 446 -1.59 -23.40 17.12
CA ASP A 446 -0.82 -23.94 16.00
C ASP A 446 -1.31 -23.36 14.69
N TYR A 447 -0.44 -23.40 13.69
CA TYR A 447 -0.81 -23.00 12.36
C TYR A 447 -2.12 -23.69 11.95
N CYS A 448 -3.00 -22.95 11.32
CA CYS A 448 -4.33 -23.38 10.92
C CYS A 448 -4.49 -23.25 9.41
N ALA A 449 -4.41 -24.36 8.71
CA ALA A 449 -4.39 -24.33 7.24
C ALA A 449 -5.68 -23.86 6.63
N ASN A 450 -6.81 -24.15 7.23
CA ASN A 450 -8.12 -23.78 6.70
C ASN A 450 -8.58 -22.47 7.30
N PRO A 451 -8.52 -21.37 6.57
CA PRO A 451 -8.85 -20.06 7.16
C PRO A 451 -10.33 -19.95 7.50
N GLN A 452 -11.18 -20.85 6.99
CA GLN A 452 -12.56 -20.84 7.43
C GLN A 452 -12.67 -21.00 8.95
N LYS A 453 -11.75 -21.75 9.56
CA LYS A 453 -11.78 -22.05 10.98
C LYS A 453 -11.68 -20.78 11.81
N TYR A 454 -10.96 -19.75 11.32
CA TYR A 454 -10.79 -18.48 12.05
C TYR A 454 -11.59 -17.40 11.35
N ASN A 455 -12.65 -17.79 10.63
CA ASN A 455 -13.61 -16.87 10.03
C ASN A 455 -12.92 -15.95 9.04
N HIS A 456 -12.05 -16.53 8.22
CA HIS A 456 -11.50 -15.91 7.02
C HIS A 456 -11.73 -16.76 5.76
N ALA A 457 -12.93 -17.22 5.64
CA ALA A 457 -13.29 -17.95 4.45
C ALA A 457 -13.25 -17.02 3.25
N ILE A 458 -12.94 -17.63 2.16
CA ILE A 458 -12.77 -16.93 0.88
C ILE A 458 -13.92 -17.30 0.00
N THR A 459 -14.71 -16.31 -0.37
CA THR A 459 -15.87 -16.53 -1.22
C THR A 459 -15.65 -15.80 -2.52
N PRO A 460 -16.41 -16.18 -3.52
CA PRO A 460 -16.24 -15.53 -4.80
C PRO A 460 -16.44 -13.99 -4.73
N LEU A 461 -15.50 -13.35 -5.42
CA LEU A 461 -15.51 -11.88 -5.51
C LEU A 461 -16.77 -11.41 -6.21
N LYS A 462 -17.52 -10.59 -5.52
CA LYS A 462 -18.77 -10.06 -6.04
C LYS A 462 -18.55 -8.76 -6.77
N PRO A 463 -19.54 -8.39 -7.56
CA PRO A 463 -19.46 -7.06 -8.16
C PRO A 463 -19.28 -5.92 -7.17
N SER A 464 -18.54 -4.88 -7.52
CA SER A 464 -18.51 -3.75 -6.59
C SER A 464 -19.88 -3.15 -6.49
N ALA A 465 -20.16 -2.58 -5.34
CA ALA A 465 -21.36 -1.83 -5.10
C ALA A 465 -21.36 -0.51 -5.85
N PRO A 466 -22.50 0.15 -5.95
CA PRO A 466 -22.57 1.34 -6.78
C PRO A 466 -21.58 2.43 -6.37
N LYS A 467 -21.20 3.24 -7.36
CA LYS A 467 -20.28 4.36 -7.09
C LYS A 467 -20.84 5.26 -6.00
N ILE A 468 -19.91 5.72 -5.15
CA ILE A 468 -20.15 6.68 -4.07
C ILE A 468 -19.68 8.03 -4.56
N PRO A 469 -20.52 9.04 -4.64
CA PRO A 469 -20.09 10.36 -5.08
C PRO A 469 -19.05 10.99 -4.18
N ILE A 470 -18.24 11.86 -4.74
CA ILE A 470 -17.14 12.45 -3.97
C ILE A 470 -17.64 13.16 -2.76
N GLU A 471 -18.77 13.84 -2.77
CA GLU A 471 -19.21 14.53 -1.56
C GLU A 471 -19.50 13.55 -0.43
N VAL A 472 -20.01 12.36 -0.76
CA VAL A 472 -20.28 11.36 0.30
C VAL A 472 -18.97 10.79 0.78
N LEU A 473 -18.02 10.52 -0.14
CA LEU A 473 -16.70 10.08 0.32
C LEU A 473 -16.14 11.12 1.32
N LEU A 474 -16.26 12.40 0.99
CA LEU A 474 -15.66 13.43 1.87
C LEU A 474 -16.44 13.72 3.12
N GLU A 475 -17.64 13.17 3.30
CA GLU A 475 -18.27 13.21 4.59
C GLU A 475 -17.41 12.49 5.62
N ALA A 476 -16.61 11.52 5.16
CA ALA A 476 -15.73 10.77 6.07
C ALA A 476 -14.51 11.58 6.53
N THR A 477 -14.37 12.82 6.05
CA THR A 477 -13.33 13.68 6.60
C THR A 477 -13.69 14.16 8.00
N LYS A 478 -14.92 14.00 8.43
CA LYS A 478 -15.31 14.45 9.77
C LYS A 478 -14.43 13.74 10.81
N PRO A 479 -13.75 14.45 11.65
CA PRO A 479 -12.96 13.77 12.69
C PRO A 479 -13.80 12.90 13.61
N THR A 480 -13.20 11.78 13.98
CA THR A 480 -13.80 10.86 14.92
C THR A 480 -12.79 10.46 15.96
N LEU A 481 -13.29 10.03 17.12
CA LEU A 481 -12.41 9.51 18.15
C LEU A 481 -11.88 8.16 17.68
N PRO A 482 -10.61 7.87 17.89
CA PRO A 482 -10.10 6.54 17.55
C PRO A 482 -10.62 5.52 18.54
N PHE A 483 -10.55 4.24 18.16
CA PHE A 483 -10.79 3.21 19.14
C PHE A 483 -9.66 3.22 20.15
N PRO A 484 -9.98 2.96 21.41
CA PRO A 484 -8.93 2.84 22.40
C PRO A 484 -7.94 1.68 22.18
N TRP A 485 -6.69 1.99 22.51
CA TRP A 485 -5.59 1.06 22.35
C TRP A 485 -5.04 0.66 23.70
N LEU A 486 -4.71 -0.62 23.89
CA LEU A 486 -3.91 -0.99 25.04
C LEU A 486 -2.51 -0.35 24.96
N PRO A 487 -1.83 -0.15 26.11
CA PRO A 487 -0.47 0.40 26.08
C PRO A 487 0.61 -0.58 25.67
N GLU A 488 0.29 -1.85 25.84
CA GLU A 488 1.11 -2.99 25.45
C GLU A 488 0.22 -4.18 25.12
N THR A 489 0.73 -5.10 24.23
CA THR A 489 -0.08 -6.28 23.96
C THR A 489 -0.15 -7.21 25.18
N ASP A 490 -1.21 -8.01 25.24
CA ASP A 490 -1.35 -9.11 26.18
C ASP A 490 -0.71 -10.40 25.66
N MET A 491 -0.15 -10.39 24.45
CA MET A 491 0.48 -11.58 23.84
C MET A 491 1.88 -11.27 23.37
N LYS A 492 2.78 -10.86 24.26
CA LYS A 492 4.15 -10.55 23.93
C LYS A 492 4.98 -11.75 23.53
N VAL A 493 6.00 -11.52 22.72
CA VAL A 493 6.78 -12.65 22.24
C VAL A 493 7.62 -13.31 23.32
N ASP A 494 8.05 -12.49 24.26
CA ASP A 494 8.96 -12.88 25.34
C ASP A 494 8.06 -13.30 26.49
N GLY A 495 6.83 -13.72 26.18
CA GLY A 495 5.73 -13.93 27.07
C GLY A 495 5.60 -15.28 27.75
#